data_6VE8
#
_entry.id   6VE8
#
_cell.length_a   47.645
_cell.length_b   65.470
_cell.length_c   72.186
_cell.angle_alpha   90.000
_cell.angle_beta   90.000
_cell.angle_gamma   90.000
#
_symmetry.space_group_name_H-M   'P 21 21 21'
#
loop_
_entity.id
_entity.type
_entity.pdbx_description
1 polymer 'Glutamate receptor 3.2'
2 non-polymer METHIONINE
3 non-polymer GLYCEROL
4 non-polymer BETA-MERCAPTOETHANOL
5 non-polymer 'CHLORIDE ION'
6 water water
#
_entity_poly.entity_id   1
_entity_poly.type   'polypeptide(L)'
_entity_poly.pdbx_seq_one_letter_code
;MHHHHHHHHSSGLVPRGSAMGSSGLSIIPPESLYKKLSNRSSSNQHLNNVTWPGGTSETPRGWVFPNNGRRLRIGVPDRA
SFKEFVSRLDGSNKVQGYAIDVFEAAVKLISYPVPHEFVLFGDGLKNPNFNEFVNNVTIGVFDAVVGDIAIVTKRTRIVD
FTQPYIESGLVVVAPVGTPIRGVDTLISSSGRVGFQVGSYAENYMIDELNIARSRLVPLGSPKEYAAALQNGTVAAIVDE
RPYVDLFLSEFCGFAIRGQEFTRSGWGFAFPRDSPLAIDMSTAILGLSETGQLQKIHDKWLSRSNCSN
;
_entity_poly.pdbx_strand_id   A
#
# COMPACT_ATOMS: atom_id res chain seq x y z
N ARG A 71 16.85 -16.45 12.93
CA ARG A 71 16.91 -15.25 12.06
C ARG A 71 15.75 -15.26 11.03
N LEU A 72 14.81 -14.33 11.14
CA LEU A 72 13.69 -14.22 10.17
C LEU A 72 14.23 -13.56 8.91
N ARG A 73 13.93 -14.17 7.78
CA ARG A 73 14.18 -13.54 6.47
C ARG A 73 12.93 -12.73 6.12
N ILE A 74 12.99 -11.42 6.24
CA ILE A 74 11.78 -10.57 6.07
C ILE A 74 11.83 -9.93 4.70
N GLY A 75 10.82 -10.29 3.88
CA GLY A 75 10.65 -9.66 2.57
C GLY A 75 10.17 -8.23 2.73
N VAL A 76 10.72 -7.31 1.94
CA VAL A 76 10.35 -5.88 1.88
C VAL A 76 10.17 -5.51 0.42
N PRO A 77 9.11 -4.78 0.06
CA PRO A 77 8.88 -4.46 -1.35
C PRO A 77 9.90 -3.44 -1.86
N ASP A 78 10.49 -3.71 -3.01
CA ASP A 78 11.44 -2.76 -3.64
C ASP A 78 10.62 -1.74 -4.43
N ARG A 79 9.97 -0.83 -3.72
CA ARG A 79 9.03 0.17 -4.31
C ARG A 79 9.84 1.09 -5.25
N ALA A 80 9.28 1.31 -6.45
CA ALA A 80 9.81 2.22 -7.50
C ALA A 80 9.22 3.64 -7.33
N SER A 81 8.17 3.82 -6.55
CA SER A 81 7.56 5.12 -6.31
C SER A 81 6.89 5.14 -4.94
N PHE A 82 6.44 6.32 -4.50
CA PHE A 82 5.92 6.55 -3.14
C PHE A 82 6.88 5.86 -2.18
N LYS A 83 8.16 6.20 -2.29
CA LYS A 83 9.24 5.49 -1.57
C LYS A 83 9.18 5.78 -0.09
N GLU A 84 8.39 6.79 0.29
CA GLU A 84 8.22 7.15 1.71
C GLU A 84 7.65 5.94 2.47
N PHE A 85 6.84 5.13 1.80
CA PHE A 85 6.21 3.99 2.53
C PHE A 85 7.24 2.94 2.96
N VAL A 86 8.10 2.56 2.02
CA VAL A 86 9.19 1.57 2.20
C VAL A 86 10.01 1.59 0.91
N SER A 87 11.33 1.57 1.01
CA SER A 87 12.17 1.56 -0.20
C SER A 87 13.60 1.14 0.14
N ARG A 88 14.35 0.81 -0.89
CA ARG A 88 15.78 0.47 -0.71
C ARG A 88 16.53 1.74 -0.27
N LEU A 89 17.47 1.61 0.66
CA LEU A 89 18.31 2.78 1.02
C LEU A 89 19.16 2.95 -0.22
N ASP A 90 19.23 4.15 -0.77
CA ASP A 90 19.73 4.37 -2.16
C ASP A 90 21.08 3.71 -2.51
N GLY A 91 22.11 3.78 -1.70
CA GLY A 91 23.37 3.19 -2.21
C GLY A 91 23.67 1.82 -1.61
N SER A 92 22.63 1.04 -1.28
CA SER A 92 22.89 -0.23 -0.56
C SER A 92 21.75 -1.23 -0.77
N ASN A 93 21.83 -2.33 -0.02
CA ASN A 93 20.79 -3.38 0.02
C ASN A 93 19.96 -3.20 1.31
N LYS A 94 20.20 -2.11 2.04
CA LYS A 94 19.44 -1.77 3.27
C LYS A 94 18.09 -1.13 2.87
N VAL A 95 17.17 -1.02 3.83
CA VAL A 95 15.82 -0.48 3.55
C VAL A 95 15.46 0.61 4.56
N GLN A 96 14.45 1.42 4.23
CA GLN A 96 13.98 2.51 5.11
C GLN A 96 12.56 2.85 4.72
N GLY A 97 11.88 3.64 5.53
CA GLY A 97 10.50 4.05 5.23
C GLY A 97 9.59 3.86 6.43
N TYR A 98 8.38 4.39 6.23
CA TYR A 98 7.27 4.35 7.18
C TYR A 98 7.08 2.91 7.72
N ALA A 99 6.91 1.93 6.84
CA ALA A 99 6.57 0.53 7.27
C ALA A 99 7.78 -0.06 8.03
N ILE A 100 9.01 0.29 7.63
CA ILE A 100 10.24 -0.22 8.30
C ILE A 100 10.30 0.35 9.71
N ASP A 101 10.05 1.65 9.86
CA ASP A 101 10.09 2.31 11.18
C ASP A 101 9.01 1.69 12.08
N VAL A 102 7.79 1.46 11.54
CA VAL A 102 6.70 0.81 12.35
C VAL A 102 7.19 -0.55 12.81
N PHE A 103 7.73 -1.33 11.89
CA PHE A 103 8.18 -2.69 12.20
C PHE A 103 9.27 -2.64 13.26
N GLU A 104 10.31 -1.81 13.11
CA GLU A 104 11.46 -1.82 14.04
C GLU A 104 11.02 -1.33 15.44
N ALA A 105 10.17 -0.33 15.49
CA ALA A 105 9.59 0.22 16.73
C ALA A 105 8.79 -0.89 17.42
N ALA A 106 7.99 -1.64 16.66
CA ALA A 106 7.12 -2.71 17.24
C ALA A 106 8.00 -3.84 17.79
N VAL A 107 9.05 -4.22 17.06
CA VAL A 107 9.96 -5.31 17.50
C VAL A 107 10.53 -4.98 18.88
N LYS A 108 10.84 -3.73 19.17
CA LYS A 108 11.37 -3.37 20.51
C LYS A 108 10.38 -3.70 21.64
N LEU A 109 9.10 -3.71 21.35
CA LEU A 109 8.09 -3.98 22.39
C LEU A 109 7.77 -5.46 22.51
N ILE A 110 8.23 -6.33 21.60
CA ILE A 110 8.00 -7.80 21.68
C ILE A 110 8.81 -8.35 22.87
N SER A 111 8.22 -9.21 23.69
CA SER A 111 8.81 -9.73 24.95
C SER A 111 10.02 -10.63 24.66
N TYR A 112 10.14 -11.19 23.46
CA TYR A 112 11.23 -12.12 23.09
C TYR A 112 11.94 -11.56 21.86
N PRO A 113 13.17 -12.01 21.61
CA PRO A 113 13.93 -11.53 20.46
C PRO A 113 13.33 -11.97 19.12
N VAL A 114 13.46 -11.06 18.16
CA VAL A 114 13.05 -11.25 16.76
C VAL A 114 14.22 -10.83 15.90
N PRO A 115 15.27 -11.66 15.86
CA PRO A 115 16.41 -11.35 15.02
C PRO A 115 15.89 -11.45 13.58
N HIS A 116 16.36 -10.58 12.70
CA HIS A 116 15.81 -10.55 11.34
C HIS A 116 16.82 -9.89 10.44
N GLU A 117 16.61 -10.12 9.15
CA GLU A 117 17.27 -9.33 8.10
C GLU A 117 16.21 -9.11 7.02
N PHE A 118 16.34 -7.98 6.35
CA PHE A 118 15.40 -7.57 5.29
C PHE A 118 15.94 -8.00 3.95
N VAL A 119 15.07 -8.51 3.10
CA VAL A 119 15.38 -8.94 1.71
C VAL A 119 14.43 -8.18 0.79
N LEU A 120 14.99 -7.42 -0.15
CA LEU A 120 14.18 -6.64 -1.10
C LEU A 120 13.53 -7.60 -2.09
N PHE A 121 12.26 -7.33 -2.45
CA PHE A 121 11.54 -8.14 -3.44
C PHE A 121 11.06 -7.23 -4.55
N GLY A 122 11.35 -7.57 -5.80
CA GLY A 122 10.85 -6.81 -6.95
C GLY A 122 11.95 -6.69 -7.99
N ASP A 123 11.59 -6.23 -9.17
CA ASP A 123 12.52 -6.27 -10.33
C ASP A 123 13.36 -5.00 -10.30
N GLY A 124 13.05 -4.04 -9.42
CA GLY A 124 13.76 -2.75 -9.31
C GLY A 124 13.32 -1.72 -10.36
N LEU A 125 12.34 -2.00 -11.22
CA LEU A 125 11.91 -1.05 -12.28
C LEU A 125 10.49 -0.57 -12.02
N LYS A 126 9.68 -1.39 -11.35
CA LYS A 126 8.27 -1.09 -11.07
C LYS A 126 7.94 -1.78 -9.74
N ASN A 127 6.94 -1.26 -9.04
CA ASN A 127 6.51 -1.91 -7.80
C ASN A 127 6.27 -3.39 -8.04
N PRO A 128 6.67 -4.27 -7.09
CA PRO A 128 6.35 -5.68 -7.20
C PRO A 128 4.84 -5.89 -7.10
N ASN A 129 4.43 -7.09 -7.49
CA ASN A 129 3.03 -7.57 -7.38
C ASN A 129 2.85 -8.03 -5.92
N PHE A 130 2.01 -7.35 -5.14
CA PHE A 130 1.88 -7.63 -3.70
C PHE A 130 1.23 -8.99 -3.44
N ASN A 131 0.37 -9.49 -4.33
CA ASN A 131 -0.16 -10.87 -4.14
C ASN A 131 0.99 -11.87 -4.23
N GLU A 132 1.88 -11.71 -5.21
CA GLU A 132 3.05 -12.61 -5.34
C GLU A 132 4.02 -12.42 -4.17
N PHE A 133 4.20 -11.18 -3.73
CA PHE A 133 5.09 -10.85 -2.60
C PHE A 133 4.61 -11.63 -1.36
N VAL A 134 3.34 -11.51 -1.02
CA VAL A 134 2.75 -12.17 0.17
C VAL A 134 2.84 -13.69 0.03
N ASN A 135 2.65 -14.21 -1.17
CA ASN A 135 2.74 -15.65 -1.45
C ASN A 135 4.14 -16.19 -1.14
N ASN A 136 5.18 -15.36 -1.12
CA ASN A 136 6.55 -15.81 -0.82
C ASN A 136 6.66 -16.27 0.65
N VAL A 137 5.81 -15.78 1.55
CA VAL A 137 5.68 -16.33 2.93
C VAL A 137 5.10 -17.75 2.90
N THR A 138 4.04 -17.93 2.15
CA THR A 138 3.34 -19.22 2.00
C THR A 138 4.36 -20.28 1.58
N ILE A 139 5.26 -20.01 0.65
CA ILE A 139 6.21 -21.02 0.09
C ILE A 139 7.57 -20.97 0.81
N GLY A 140 7.68 -20.24 1.91
CA GLY A 140 8.86 -20.32 2.79
C GLY A 140 10.06 -19.51 2.35
N VAL A 141 10.01 -18.80 1.21
CA VAL A 141 11.13 -17.92 0.77
C VAL A 141 11.39 -16.86 1.83
N PHE A 142 10.30 -16.31 2.37
CA PHE A 142 10.33 -15.31 3.46
C PHE A 142 9.63 -15.92 4.67
N ASP A 143 10.13 -15.59 5.85
CA ASP A 143 9.52 -15.90 7.17
C ASP A 143 8.40 -14.91 7.50
N ALA A 144 8.44 -13.72 6.89
CA ALA A 144 7.46 -12.64 7.14
C ALA A 144 7.60 -11.63 6.00
N VAL A 145 6.55 -10.85 5.75
CA VAL A 145 6.71 -9.64 4.87
C VAL A 145 6.26 -8.38 5.58
N VAL A 146 7.01 -7.33 5.34
CA VAL A 146 6.83 -6.00 5.98
C VAL A 146 6.73 -5.01 4.84
N GLY A 147 5.71 -4.18 4.92
CA GLY A 147 5.44 -3.14 3.93
C GLY A 147 4.05 -2.60 4.07
N ASP A 148 3.67 -1.91 3.02
CA ASP A 148 2.37 -1.25 2.86
C ASP A 148 1.41 -2.29 2.30
N ILE A 149 1.10 -3.33 3.08
CA ILE A 149 0.41 -4.55 2.57
C ILE A 149 -1.04 -4.52 3.01
N ALA A 150 -1.96 -4.39 2.06
CA ALA A 150 -3.38 -4.41 2.41
C ALA A 150 -3.85 -5.80 2.85
N ILE A 151 -4.65 -5.80 3.89
CA ILE A 151 -5.22 -7.03 4.50
C ILE A 151 -6.48 -7.38 3.70
N VAL A 152 -6.34 -8.06 2.57
CA VAL A 152 -7.51 -8.31 1.70
C VAL A 152 -7.77 -9.82 1.73
N THR A 153 -9.02 -10.14 1.52
CA THR A 153 -9.57 -11.49 1.80
C THR A 153 -8.69 -12.57 1.23
N LYS A 154 -8.34 -12.52 -0.05
CA LYS A 154 -7.61 -13.63 -0.69
C LYS A 154 -6.22 -13.80 -0.06
N ARG A 155 -5.59 -12.73 0.43
CA ARG A 155 -4.30 -12.89 1.12
C ARG A 155 -4.50 -13.58 2.48
N THR A 156 -5.58 -13.29 3.20
CA THR A 156 -5.72 -13.85 4.57
C THR A 156 -5.90 -15.37 4.47
N ARG A 157 -6.15 -15.92 3.28
CA ARG A 157 -6.22 -17.40 3.11
C ARG A 157 -4.83 -18.02 3.28
N ILE A 158 -3.77 -17.29 2.95
CA ILE A 158 -2.46 -17.93 2.72
C ILE A 158 -1.43 -17.39 3.73
N VAL A 159 -1.77 -16.36 4.49
CA VAL A 159 -0.87 -15.81 5.55
C VAL A 159 -1.75 -15.34 6.70
N ASP A 160 -1.13 -15.15 7.87
CA ASP A 160 -1.76 -14.45 9.00
C ASP A 160 -1.20 -13.03 9.09
N PHE A 161 -2.08 -12.04 9.03
CA PHE A 161 -1.70 -10.61 9.19
C PHE A 161 -1.78 -10.22 10.64
N THR A 162 -0.99 -9.22 10.99
CA THR A 162 -1.25 -8.39 12.18
C THR A 162 -2.60 -7.68 12.07
N GLN A 163 -3.06 -7.18 13.20
CA GLN A 163 -4.05 -6.08 13.19
C GLN A 163 -3.43 -4.97 12.35
N PRO A 164 -4.27 -4.17 11.65
CA PRO A 164 -3.75 -3.08 10.83
C PRO A 164 -3.07 -2.01 11.67
N TYR A 165 -2.05 -1.40 11.10
CA TYR A 165 -1.30 -0.28 11.75
C TYR A 165 -1.69 1.03 11.10
N ILE A 166 -2.48 1.03 10.05
CA ILE A 166 -2.97 2.26 9.35
C ILE A 166 -4.25 1.90 8.62
N GLU A 167 -5.23 2.82 8.64
CA GLU A 167 -6.47 2.66 7.89
C GLU A 167 -6.16 2.83 6.40
N SER A 168 -6.80 2.04 5.60
CA SER A 168 -6.67 2.22 4.14
C SER A 168 -7.94 1.68 3.49
N GLY A 169 -8.24 2.18 2.31
CA GLY A 169 -9.26 1.62 1.42
C GLY A 169 -9.19 2.34 0.09
N LEU A 170 -9.84 1.78 -0.91
CA LEU A 170 -9.79 2.29 -2.29
C LEU A 170 -10.69 3.52 -2.43
N VAL A 171 -10.18 4.51 -3.15
CA VAL A 171 -10.95 5.70 -3.53
C VAL A 171 -10.74 5.94 -5.02
N VAL A 172 -11.69 6.70 -5.56
CA VAL A 172 -11.60 7.29 -6.91
C VAL A 172 -10.98 8.67 -6.81
N VAL A 173 -9.98 8.93 -7.64
CA VAL A 173 -9.43 10.31 -7.79
C VAL A 173 -9.54 10.72 -9.25
N ALA A 174 -9.93 11.96 -9.46
CA ALA A 174 -10.17 12.49 -10.81
C ALA A 174 -9.94 14.00 -10.82
N PRO A 175 -9.83 14.63 -12.00
CA PRO A 175 -9.66 16.08 -12.11
C PRO A 175 -10.89 16.78 -11.51
N VAL A 176 -10.62 17.89 -10.85
CA VAL A 176 -11.68 18.74 -10.26
C VAL A 176 -12.61 19.10 -11.42
N GLY A 177 -13.92 18.91 -11.25
CA GLY A 177 -14.93 19.23 -12.28
C GLY A 177 -15.22 18.07 -13.22
N THR A 178 -14.78 16.85 -12.90
CA THR A 178 -15.05 15.63 -13.69
C THR A 178 -16.53 15.26 -13.59
N PRO A 179 -17.11 14.62 -14.63
CA PRO A 179 -18.44 14.02 -14.49
C PRO A 179 -18.47 12.95 -13.39
N ILE A 180 -17.37 12.20 -13.23
CA ILE A 180 -17.29 11.03 -12.31
C ILE A 180 -17.48 11.52 -10.88
N ARG A 181 -18.42 10.92 -10.17
CA ARG A 181 -18.83 11.36 -8.81
C ARG A 181 -18.46 10.29 -7.78
N GLY A 182 -18.01 9.12 -8.23
CA GLY A 182 -17.69 8.03 -7.31
C GLY A 182 -17.57 6.74 -8.08
N VAL A 183 -17.46 5.64 -7.35
CA VAL A 183 -17.23 4.28 -7.93
C VAL A 183 -18.39 3.93 -8.90
N ASP A 184 -19.62 4.32 -8.65
CA ASP A 184 -20.77 3.95 -9.53
C ASP A 184 -20.63 4.54 -10.92
N THR A 185 -20.32 5.83 -11.01
CA THR A 185 -20.17 6.51 -12.32
C THR A 185 -18.87 6.09 -12.97
N LEU A 186 -17.90 5.63 -12.19
CA LEU A 186 -16.68 5.04 -12.77
C LEU A 186 -17.04 3.76 -13.51
N ILE A 187 -17.83 2.90 -12.90
CA ILE A 187 -18.21 1.56 -13.45
C ILE A 187 -18.99 1.79 -14.76
N SER A 188 -20.00 2.65 -14.74
CA SER A 188 -20.90 2.90 -15.90
C SER A 188 -20.18 3.74 -16.98
N SER A 189 -19.02 4.32 -16.69
CA SER A 189 -18.20 5.10 -17.65
C SER A 189 -17.53 4.17 -18.67
N SER A 190 -17.21 4.72 -19.82
CA SER A 190 -16.42 4.10 -20.91
C SER A 190 -14.91 4.36 -20.66
N GLY A 191 -14.61 5.35 -19.81
CA GLY A 191 -13.27 5.97 -19.68
C GLY A 191 -12.28 4.97 -19.12
N ARG A 192 -11.02 5.12 -19.50
CA ARG A 192 -9.91 4.31 -18.94
C ARG A 192 -9.70 4.70 -17.47
N VAL A 193 -9.25 3.73 -16.67
CA VAL A 193 -9.04 3.88 -15.22
C VAL A 193 -7.60 3.47 -14.89
N GLY A 194 -6.88 4.37 -14.24
CA GLY A 194 -5.51 4.11 -13.79
C GLY A 194 -5.55 3.36 -12.48
N PHE A 195 -4.51 2.59 -12.22
CA PHE A 195 -4.33 1.95 -10.91
C PHE A 195 -2.83 1.91 -10.69
N GLN A 196 -2.43 1.68 -9.45
CA GLN A 196 -1.00 1.59 -9.10
C GLN A 196 -0.50 0.18 -9.44
N VAL A 197 0.51 0.04 -10.28
CA VAL A 197 1.09 -1.28 -10.62
C VAL A 197 1.42 -2.05 -9.34
N GLY A 198 0.94 -3.30 -9.28
CA GLY A 198 1.22 -4.20 -8.16
C GLY A 198 0.10 -4.22 -7.14
N SER A 199 -0.87 -3.31 -7.24
CA SER A 199 -1.98 -3.13 -6.26
C SER A 199 -3.04 -4.23 -6.39
N TYR A 200 -3.65 -4.62 -5.27
CA TYR A 200 -4.85 -5.48 -5.30
C TYR A 200 -6.00 -4.80 -6.04
N ALA A 201 -5.95 -3.49 -6.25
CA ALA A 201 -6.99 -2.70 -6.95
C ALA A 201 -7.26 -3.28 -8.35
N GLU A 202 -6.22 -3.77 -9.04
CA GLU A 202 -6.35 -4.30 -10.41
C GLU A 202 -7.36 -5.48 -10.42
N ASN A 203 -7.17 -6.48 -9.57
CA ASN A 203 -8.07 -7.66 -9.52
C ASN A 203 -9.41 -7.30 -8.90
N TYR A 204 -9.45 -6.39 -7.94
CA TYR A 204 -10.70 -5.91 -7.33
C TYR A 204 -11.59 -5.28 -8.41
N MET A 205 -11.01 -4.43 -9.25
CA MET A 205 -11.82 -3.75 -10.29
C MET A 205 -12.34 -4.79 -11.30
N ILE A 206 -11.50 -5.76 -11.68
CA ILE A 206 -11.88 -6.75 -12.72
C ILE A 206 -12.88 -7.74 -12.13
N ASP A 207 -12.62 -8.26 -10.93
CA ASP A 207 -13.36 -9.41 -10.33
C ASP A 207 -14.62 -8.91 -9.63
N GLU A 208 -14.48 -7.90 -8.79
CA GLU A 208 -15.58 -7.47 -7.87
C GLU A 208 -16.44 -6.40 -8.53
N LEU A 209 -15.86 -5.45 -9.25
CA LEU A 209 -16.63 -4.31 -9.79
C LEU A 209 -17.02 -4.59 -11.25
N ASN A 210 -16.41 -5.60 -11.86
CA ASN A 210 -16.62 -6.08 -13.26
C ASN A 210 -16.33 -4.94 -14.21
N ILE A 211 -15.22 -4.23 -13.96
CA ILE A 211 -14.64 -3.25 -14.90
C ILE A 211 -13.83 -4.06 -15.91
N ALA A 212 -14.06 -3.81 -17.19
CA ALA A 212 -13.36 -4.45 -18.31
C ALA A 212 -11.85 -4.26 -18.14
N ARG A 213 -11.09 -5.36 -18.19
CA ARG A 213 -9.60 -5.36 -18.15
C ARG A 213 -9.06 -4.38 -19.20
N SER A 214 -9.68 -4.28 -20.37
CA SER A 214 -9.25 -3.36 -21.47
C SER A 214 -9.26 -1.89 -20.99
N ARG A 215 -9.98 -1.54 -19.93
CA ARG A 215 -10.05 -0.14 -19.44
C ARG A 215 -8.89 0.21 -18.50
N LEU A 216 -8.16 -0.76 -17.99
CA LEU A 216 -7.21 -0.50 -16.87
C LEU A 216 -5.84 -0.12 -17.41
N VAL A 217 -5.28 0.92 -16.85
CA VAL A 217 -3.93 1.40 -17.23
C VAL A 217 -3.07 1.38 -15.99
N PRO A 218 -1.95 0.64 -15.98
CA PRO A 218 -1.04 0.67 -14.85
C PRO A 218 -0.24 1.98 -14.85
N LEU A 219 -0.14 2.54 -13.65
CA LEU A 219 0.61 3.78 -13.39
C LEU A 219 1.60 3.52 -12.26
N GLY A 220 2.70 4.22 -12.32
CA GLY A 220 3.91 3.83 -11.58
C GLY A 220 4.26 4.73 -10.44
N SER A 221 3.79 5.99 -10.41
CA SER A 221 4.24 7.10 -9.54
C SER A 221 3.24 8.26 -9.53
N PRO A 222 3.30 9.18 -8.53
CA PRO A 222 2.39 10.32 -8.49
C PRO A 222 2.59 11.28 -9.70
N LYS A 223 3.82 11.44 -10.20
CA LYS A 223 4.04 12.28 -11.39
C LYS A 223 3.28 11.68 -12.57
N GLU A 224 3.30 10.35 -12.69
CA GLU A 224 2.56 9.62 -13.73
C GLU A 224 1.05 9.76 -13.48
N TYR A 225 0.60 9.75 -12.23
CA TYR A 225 -0.86 9.94 -12.01
C TYR A 225 -1.28 11.28 -12.63
N ALA A 226 -0.56 12.35 -12.28
CA ALA A 226 -0.93 13.73 -12.64
C ALA A 226 -0.90 13.82 -14.17
N ALA A 227 0.16 13.29 -14.78
CA ALA A 227 0.31 13.40 -16.24
C ALA A 227 -0.81 12.64 -16.94
N ALA A 228 -1.16 11.42 -16.48
CA ALA A 228 -2.19 10.57 -17.13
C ALA A 228 -3.58 11.21 -16.99
N LEU A 229 -3.90 11.83 -15.86
CA LEU A 229 -5.21 12.54 -15.69
C LEU A 229 -5.24 13.80 -16.56
N GLN A 230 -4.12 14.52 -16.68
CA GLN A 230 -4.07 15.84 -17.40
C GLN A 230 -4.09 15.62 -18.90
N ASN A 231 -3.52 14.55 -19.44
CA ASN A 231 -3.43 14.36 -20.91
C ASN A 231 -4.51 13.37 -21.39
N GLY A 232 -5.40 12.96 -20.47
CA GLY A 232 -6.52 12.03 -20.72
C GLY A 232 -6.10 10.64 -21.15
N THR A 233 -4.92 10.15 -20.75
CA THR A 233 -4.62 8.70 -20.82
C THR A 233 -5.66 7.91 -19.98
N VAL A 234 -6.09 8.46 -18.82
CA VAL A 234 -7.16 7.87 -17.98
C VAL A 234 -8.13 8.97 -17.61
N ALA A 235 -9.36 8.59 -17.27
CA ALA A 235 -10.44 9.51 -16.83
C ALA A 235 -10.40 9.67 -15.31
N ALA A 236 -9.87 8.65 -14.65
CA ALA A 236 -9.84 8.56 -13.17
C ALA A 236 -8.74 7.54 -12.78
N ILE A 237 -8.40 7.56 -11.50
CA ILE A 237 -7.47 6.63 -10.85
C ILE A 237 -8.16 6.07 -9.63
N VAL A 238 -8.05 4.76 -9.47
CA VAL A 238 -8.48 4.04 -8.24
C VAL A 238 -7.21 3.64 -7.50
N ASP A 239 -7.07 4.09 -6.26
CA ASP A 239 -5.91 3.64 -5.47
C ASP A 239 -6.29 3.79 -4.02
N GLU A 240 -5.42 3.28 -3.16
CA GLU A 240 -5.71 3.33 -1.73
C GLU A 240 -5.50 4.76 -1.23
N ARG A 241 -6.27 5.13 -0.24
CA ARG A 241 -6.25 6.48 0.37
C ARG A 241 -4.85 7.00 0.72
N PRO A 242 -3.94 6.26 1.40
CA PRO A 242 -2.64 6.80 1.78
C PRO A 242 -1.82 7.27 0.58
N TYR A 243 -1.85 6.54 -0.53
CA TYR A 243 -1.10 6.97 -1.74
C TYR A 243 -1.77 8.23 -2.33
N VAL A 244 -3.08 8.20 -2.40
CA VAL A 244 -3.87 9.34 -2.94
C VAL A 244 -3.56 10.59 -2.08
N ASP A 245 -3.54 10.48 -0.77
CA ASP A 245 -3.19 11.61 0.15
C ASP A 245 -1.82 12.22 -0.20
N LEU A 246 -0.79 11.40 -0.48
CA LEU A 246 0.56 11.91 -0.82
C LEU A 246 0.50 12.58 -2.20
N PHE A 247 -0.24 11.95 -3.11
CA PHE A 247 -0.43 12.45 -4.49
C PHE A 247 -1.06 13.86 -4.44
N LEU A 248 -2.15 13.99 -3.71
CA LEU A 248 -2.87 15.29 -3.60
C LEU A 248 -2.03 16.34 -2.83
N SER A 249 -1.08 15.92 -2.01
CA SER A 249 -0.15 16.88 -1.32
C SER A 249 0.86 17.46 -2.30
N GLU A 250 1.07 16.81 -3.44
CA GLU A 250 2.12 17.19 -4.39
C GLU A 250 1.55 17.82 -5.68
N PHE A 251 0.37 17.42 -6.15
CA PHE A 251 -0.12 17.76 -7.52
C PHE A 251 -1.49 18.41 -7.39
N CYS A 252 -1.62 19.60 -7.95
CA CYS A 252 -2.89 20.37 -7.96
C CYS A 252 -3.81 19.92 -9.08
N GLY A 253 -5.10 20.08 -8.84
CA GLY A 253 -6.16 20.01 -9.87
C GLY A 253 -7.00 18.75 -9.74
N PHE A 254 -6.83 18.00 -8.67
CA PHE A 254 -7.50 16.66 -8.52
C PHE A 254 -8.21 16.58 -7.18
N ALA A 255 -9.13 15.65 -7.09
CA ALA A 255 -9.92 15.43 -5.87
C ALA A 255 -10.43 13.99 -5.82
N ILE A 256 -10.54 13.50 -4.60
CA ILE A 256 -11.26 12.23 -4.30
C ILE A 256 -12.72 12.48 -4.62
N ARG A 257 -13.32 11.56 -5.36
CA ARG A 257 -14.77 11.56 -5.71
C ARG A 257 -15.45 10.42 -4.93
N GLY A 258 -16.39 10.76 -4.04
CA GLY A 258 -17.10 9.78 -3.19
C GLY A 258 -16.28 9.42 -1.98
N GLN A 259 -16.64 8.34 -1.32
CA GLN A 259 -15.90 7.85 -0.13
C GLN A 259 -15.20 6.55 -0.51
N GLU A 260 -14.36 6.06 0.41
CA GLU A 260 -13.74 4.71 0.31
C GLU A 260 -14.83 3.71 -0.07
N PHE A 261 -14.55 2.80 -0.99
CA PHE A 261 -15.47 1.68 -1.33
C PHE A 261 -14.88 0.34 -0.94
N THR A 262 -13.69 0.33 -0.36
CA THR A 262 -13.17 -0.82 0.40
C THR A 262 -12.65 -0.28 1.71
N ARG A 263 -12.43 -1.19 2.63
CA ARG A 263 -11.87 -0.89 3.96
C ARG A 263 -11.02 -2.12 4.28
N SER A 264 -9.73 -1.95 4.14
CA SER A 264 -8.74 -2.94 4.59
C SER A 264 -7.48 -2.12 4.87
N GLY A 265 -7.10 -2.07 6.11
CA GLY A 265 -5.86 -1.43 6.53
C GLY A 265 -4.66 -2.20 6.00
N TRP A 266 -3.48 -1.73 6.39
CA TRP A 266 -2.20 -2.41 6.10
C TRP A 266 -1.74 -3.15 7.33
N GLY A 267 -1.17 -4.33 7.11
CA GLY A 267 -0.55 -5.11 8.18
C GLY A 267 0.74 -5.71 7.74
N PHE A 268 1.42 -6.38 8.66
CA PHE A 268 2.56 -7.26 8.33
C PHE A 268 2.03 -8.70 8.28
N ALA A 269 2.68 -9.54 7.48
CA ALA A 269 2.18 -10.91 7.25
C ALA A 269 3.22 -11.95 7.61
N PHE A 270 2.73 -13.02 8.24
CA PHE A 270 3.50 -14.11 8.84
C PHE A 270 2.86 -15.40 8.34
N PRO A 271 3.54 -16.54 8.49
CA PRO A 271 2.89 -17.81 8.14
C PRO A 271 1.59 -18.03 8.92
N ARG A 272 0.68 -18.76 8.31
CA ARG A 272 -0.55 -19.24 8.96
C ARG A 272 -0.19 -19.81 10.33
N ASP A 273 -0.96 -19.40 11.36
CA ASP A 273 -0.84 -19.79 12.78
C ASP A 273 0.44 -19.29 13.45
N SER A 274 1.22 -18.39 12.85
CA SER A 274 2.38 -17.76 13.53
C SER A 274 1.92 -16.98 14.75
N PRO A 275 2.53 -17.23 15.94
CA PRO A 275 2.26 -16.42 17.12
C PRO A 275 2.74 -14.97 16.94
N LEU A 276 3.69 -14.75 16.04
CA LEU A 276 4.25 -13.40 15.88
C LEU A 276 3.18 -12.46 15.32
N ALA A 277 2.19 -12.94 14.56
CA ALA A 277 1.14 -12.04 14.02
C ALA A 277 0.34 -11.44 15.19
N ILE A 278 0.15 -12.23 16.23
CA ILE A 278 -0.59 -11.75 17.43
C ILE A 278 0.36 -10.86 18.26
N ASP A 279 1.57 -11.30 18.53
CA ASP A 279 2.48 -10.54 19.42
C ASP A 279 2.76 -9.17 18.77
N MET A 280 2.93 -9.13 17.45
CA MET A 280 3.21 -7.88 16.72
C MET A 280 1.96 -6.98 16.72
N SER A 281 0.76 -7.55 16.84
CA SER A 281 -0.48 -6.76 16.99
C SER A 281 -0.43 -6.03 18.31
N THR A 282 -0.04 -6.71 19.38
CA THR A 282 0.02 -6.08 20.71
C THR A 282 1.08 -4.98 20.67
N ALA A 283 2.20 -5.22 19.99
CA ALA A 283 3.29 -4.20 19.89
C ALA A 283 2.82 -2.97 19.10
N ILE A 284 2.09 -3.17 18.00
CA ILE A 284 1.50 -2.08 17.18
C ILE A 284 0.54 -1.26 18.03
N LEU A 285 -0.26 -1.93 18.85
CA LEU A 285 -1.20 -1.23 19.74
C LEU A 285 -0.42 -0.38 20.75
N GLY A 286 0.68 -0.92 21.27
CA GLY A 286 1.55 -0.21 22.22
C GLY A 286 2.11 1.02 21.54
N LEU A 287 2.50 0.92 20.26
CA LEU A 287 2.97 2.11 19.52
C LEU A 287 1.85 3.16 19.41
N SER A 288 0.62 2.71 19.21
CA SER A 288 -0.53 3.61 19.04
C SER A 288 -0.77 4.32 20.38
N GLU A 289 -0.73 3.57 21.47
CA GLU A 289 -1.06 4.14 22.80
C GLU A 289 0.00 5.11 23.33
N THR A 290 1.25 4.98 22.92
CA THR A 290 2.35 5.88 23.35
C THR A 290 2.45 7.08 22.44
N GLY A 291 1.75 7.09 21.30
CA GLY A 291 1.79 8.15 20.28
C GLY A 291 2.92 7.94 19.28
N GLN A 292 3.70 6.86 19.40
CA GLN A 292 4.87 6.63 18.49
C GLN A 292 4.33 6.40 17.08
N LEU A 293 3.21 5.69 16.98
CA LEU A 293 2.68 5.32 15.63
C LEU A 293 2.29 6.58 14.85
N GLN A 294 1.62 7.54 15.49
CA GLN A 294 1.29 8.81 14.84
C GLN A 294 2.59 9.54 14.47
N LYS A 295 3.59 9.54 15.35
CA LYS A 295 4.84 10.30 15.11
C LYS A 295 5.62 9.69 13.95
N ILE A 296 5.55 8.38 13.80
CA ILE A 296 6.20 7.70 12.65
C ILE A 296 5.46 8.11 11.37
N HIS A 297 4.14 8.25 11.40
CA HIS A 297 3.35 8.68 10.22
C HIS A 297 3.80 10.12 9.90
N ASP A 298 3.93 10.96 10.92
CA ASP A 298 4.31 12.40 10.72
C ASP A 298 5.72 12.50 10.14
N LYS A 299 6.62 11.62 10.54
CA LYS A 299 8.03 11.57 10.08
C LYS A 299 8.03 11.40 8.57
N TRP A 300 7.19 10.52 8.03
CA TRP A 300 7.34 10.07 6.61
C TRP A 300 6.28 10.69 5.71
N LEU A 301 5.08 10.99 6.22
CA LEU A 301 3.82 11.13 5.42
C LEU A 301 3.07 12.42 5.73
N SER A 302 3.74 13.43 6.29
CA SER A 302 3.12 14.74 6.60
C SER A 302 2.58 15.35 5.30
N ARG A 303 1.26 15.55 5.22
CA ARG A 303 0.56 16.27 4.12
C ARG A 303 1.12 17.70 4.01
N SER A 304 0.89 18.33 2.86
CA SER A 304 1.29 19.73 2.57
C SER A 304 0.44 20.26 1.42
N ASN A 305 0.71 21.50 0.98
CA ASN A 305 -0.01 22.19 -0.10
C ASN A 305 0.58 21.67 -1.40
N CYS A 306 -0.29 21.32 -2.34
CA CYS A 306 0.10 20.98 -3.74
C CYS A 306 0.77 22.23 -4.34
N SER A 307 0.36 23.41 -3.88
CA SER A 307 0.87 24.74 -4.31
C SER A 307 2.20 24.99 -3.59
#